data_1V5F
#
_entry.id   1V5F
#
_cell.length_a   78.130
_cell.length_b   106.050
_cell.length_c   155.400
_cell.angle_alpha   90.00
_cell.angle_beta   90.00
_cell.angle_gamma   90.00
#
_symmetry.space_group_name_H-M   'I 2 2 2'
#
loop_
_entity.id
_entity.type
_entity.pdbx_description
1 polymer 'Pyruvate oxidase'
2 non-polymer 'MAGNESIUM ION'
3 non-polymer 'SULFATE ION'
4 non-polymer 'FLAVIN-ADENINE DINUCLEOTIDE'
5 non-polymer 'THIAMINE DIPHOSPHATE'
6 water water
#
_entity_poly.entity_id   1
_entity_poly.type   'polypeptide(L)'
_entity_poly.pdbx_seq_one_letter_code
;NKINIGLAVMKILESWGADTIYGIPSGTLSSLMDAMGEEENNVKFLQVKHEEVGAMAAVMQSKFGGNLGVTVGSGGPGAS
HLINGLYDAAMDNIPVVAILGSRPQRELNMDAFQELNQNPMYDHIAVYNRRVAYAEQLPKLVDEAARMAIAKRGVAVLEV
PGDFAKVEIDNDQWYSSANSLRKYAPIAPAAQDIDAAVELLNNSKRPVIYAGIGTMGHGPAVQELARKIKAPVITTGKNF
ETFEWDFEALTGSTYRVGWKPANETILEADTVLFAGSNFPFSEVEGTFRNVDNFIQIDIDPAMLGKRHHADVAILGDAAL
AIDEILNKVDAVEESAWWTANLKNIANWREYINMLETKEEGDLQFYQVYNAINNHADEDAIYSIDVGNSTQTSIRHLHMT
PKNMWRTSPLFATMGIAIPGGLGAKNTYPDRQVWNIIGDGAFSMTYPDVVTNVRYNMPVINVVFSNTEYAFIKNKYEDTN
KNLFGVDFTDVDYAKIAEAQGAKGFTVSRIEDMDRVMAEAVAANKAGHTVVIDCKITQDRPIPVETLKLDSKLYSEDEIK
AYKERYEAANLVPFREYLEAEGLESKYIK
;
_entity_poly.pdbx_strand_id   A
#
loop_
_chem_comp.id
_chem_comp.type
_chem_comp.name
_chem_comp.formula
FAD non-polymer 'FLAVIN-ADENINE DINUCLEOTIDE' 'C27 H33 N9 O15 P2'
MG non-polymer 'MAGNESIUM ION' 'Mg 2'
SO4 non-polymer 'SULFATE ION' 'O4 S -2'
TPP non-polymer 'THIAMINE DIPHOSPHATE' 'C12 H19 N4 O7 P2 S 1'
#
# COMPACT_ATOMS: atom_id res chain seq x y z
N ASN A 1 1.94 23.82 -41.61
CA ASN A 1 2.66 23.11 -40.51
C ASN A 1 1.82 21.93 -40.01
N LYS A 2 2.27 20.73 -40.34
CA LYS A 2 1.58 19.50 -39.96
C LYS A 2 2.32 18.76 -38.84
N ILE A 3 1.61 17.85 -38.19
CA ILE A 3 2.21 17.04 -37.13
C ILE A 3 1.51 15.69 -37.07
N ASN A 4 2.29 14.66 -36.78
CA ASN A 4 1.74 13.31 -36.66
C ASN A 4 0.93 13.24 -35.37
N ILE A 5 -0.26 12.66 -35.46
CA ILE A 5 -1.12 12.54 -34.29
C ILE A 5 -0.44 11.81 -33.13
N GLY A 6 0.34 10.79 -33.45
CA GLY A 6 1.04 10.06 -32.41
C GLY A 6 2.00 10.98 -31.65
N LEU A 7 2.69 11.84 -32.39
CA LEU A 7 3.63 12.76 -31.77
C LEU A 7 2.89 13.80 -30.93
N ALA A 8 1.75 14.29 -31.43
CA ALA A 8 0.97 15.25 -30.69
C ALA A 8 0.58 14.61 -29.36
N VAL A 9 0.21 13.33 -29.41
CA VAL A 9 -0.18 12.60 -28.21
C VAL A 9 0.98 12.54 -27.22
N MET A 10 2.18 12.27 -27.72
CA MET A 10 3.35 12.21 -26.84
C MET A 10 3.67 13.57 -26.23
N LYS A 11 3.49 14.64 -27.00
CA LYS A 11 3.74 15.98 -26.51
C LYS A 11 2.77 16.31 -25.37
N ILE A 12 1.53 15.87 -25.52
CA ILE A 12 0.50 16.10 -24.51
C ILE A 12 0.86 15.34 -23.23
N LEU A 13 1.21 14.06 -23.38
CA LEU A 13 1.59 13.26 -22.22
C LEU A 13 2.78 13.91 -21.52
N GLU A 14 3.76 14.36 -22.30
CA GLU A 14 4.93 15.01 -21.74
C GLU A 14 4.56 16.27 -20.94
N SER A 15 3.62 17.05 -21.47
CA SER A 15 3.19 18.28 -20.78
C SER A 15 2.53 17.98 -19.44
N TRP A 16 1.89 16.82 -19.32
CA TRP A 16 1.24 16.45 -18.07
C TRP A 16 2.20 15.75 -17.11
N GLY A 17 3.45 15.61 -17.53
CA GLY A 17 4.45 14.97 -16.69
C GLY A 17 4.45 13.46 -16.79
N ALA A 18 3.59 12.92 -17.66
CA ALA A 18 3.50 11.48 -17.86
C ALA A 18 4.58 11.08 -18.87
N ASP A 19 5.82 11.00 -18.39
CA ASP A 19 6.96 10.66 -19.25
C ASP A 19 7.34 9.18 -19.31
N THR A 20 6.47 8.31 -18.81
CA THR A 20 6.78 6.88 -18.84
C THR A 20 5.53 6.06 -19.15
N ILE A 21 5.63 5.25 -20.21
CA ILE A 21 4.53 4.39 -20.62
C ILE A 21 4.97 2.94 -20.38
N TYR A 22 4.13 2.18 -19.69
CA TYR A 22 4.44 0.78 -19.38
C TYR A 22 3.61 -0.15 -20.25
N GLY A 23 4.25 -1.21 -20.75
CA GLY A 23 3.52 -2.17 -21.57
C GLY A 23 4.40 -3.06 -22.43
N ILE A 24 3.79 -3.63 -23.45
CA ILE A 24 4.46 -4.51 -24.40
C ILE A 24 4.09 -4.03 -25.79
N PRO A 25 5.09 -3.75 -26.64
CA PRO A 25 4.83 -3.27 -28.00
C PRO A 25 4.25 -4.33 -28.92
N SER A 26 3.34 -3.91 -29.80
CA SER A 26 2.71 -4.81 -30.77
C SER A 26 1.92 -4.02 -31.81
N GLY A 27 1.40 -4.74 -32.80
CA GLY A 27 0.65 -4.12 -33.89
C GLY A 27 -0.41 -3.08 -33.60
N THR A 28 -1.36 -3.40 -32.72
CA THR A 28 -2.43 -2.45 -32.41
C THR A 28 -2.01 -1.25 -31.58
N LEU A 29 -0.73 -1.15 -31.26
CA LEU A 29 -0.19 -0.03 -30.48
C LEU A 29 1.00 0.65 -31.16
N SER A 30 1.51 0.01 -32.21
CA SER A 30 2.68 0.51 -32.93
C SER A 30 2.63 1.96 -33.42
N SER A 31 1.50 2.38 -33.99
CA SER A 31 1.39 3.74 -34.50
C SER A 31 1.67 4.79 -33.42
N LEU A 32 1.23 4.52 -32.20
CA LEU A 32 1.48 5.44 -31.10
C LEU A 32 2.95 5.40 -30.69
N MET A 33 3.46 4.19 -30.46
CA MET A 33 4.84 4.00 -30.04
C MET A 33 5.86 4.49 -31.07
N ASP A 34 5.52 4.44 -32.34
CA ASP A 34 6.44 4.86 -33.40
C ASP A 34 6.79 6.35 -33.33
N ALA A 35 5.97 7.13 -32.62
CA ALA A 35 6.21 8.57 -32.50
C ALA A 35 7.06 8.94 -31.30
N MET A 36 7.25 7.99 -30.39
CA MET A 36 8.03 8.23 -29.18
C MET A 36 9.49 8.57 -29.48
N GLY A 37 10.00 9.59 -28.80
CA GLY A 37 11.37 10.01 -28.98
C GLY A 37 11.58 10.93 -30.16
N GLU A 38 10.50 11.30 -30.83
CA GLU A 38 10.59 12.18 -31.99
C GLU A 38 10.61 13.65 -31.56
N GLU A 39 11.16 14.51 -32.42
CA GLU A 39 11.25 15.94 -32.16
C GLU A 39 11.57 16.30 -30.72
N GLU A 40 12.58 15.63 -30.17
CA GLU A 40 13.03 15.87 -28.80
C GLU A 40 12.06 15.46 -27.69
N ASN A 41 11.01 14.71 -28.05
CA ASN A 41 10.06 14.26 -27.05
C ASN A 41 10.78 13.39 -26.04
N ASN A 42 10.43 13.51 -24.76
CA ASN A 42 11.09 12.74 -23.71
C ASN A 42 10.29 11.60 -23.10
N VAL A 43 9.18 11.22 -23.73
CA VAL A 43 8.39 10.13 -23.18
C VAL A 43 9.08 8.82 -23.53
N LYS A 44 9.34 8.00 -22.52
CA LYS A 44 10.01 6.72 -22.74
C LYS A 44 9.11 5.53 -22.51
N PHE A 45 9.45 4.41 -23.13
CA PHE A 45 8.66 3.19 -22.99
C PHE A 45 9.39 2.20 -22.09
N LEU A 46 8.68 1.66 -21.10
CA LEU A 46 9.27 0.69 -20.19
C LEU A 46 8.54 -0.62 -20.47
N GLN A 47 9.23 -1.53 -21.17
CA GLN A 47 8.67 -2.81 -21.55
C GLN A 47 8.67 -3.87 -20.46
N VAL A 48 7.49 -4.44 -20.19
CA VAL A 48 7.36 -5.48 -19.17
C VAL A 48 7.14 -6.84 -19.82
N LYS A 49 7.07 -7.90 -19.00
CA LYS A 49 6.87 -9.25 -19.53
C LYS A 49 5.39 -9.65 -19.51
N HIS A 50 4.61 -8.99 -18.65
CA HIS A 50 3.18 -9.26 -18.54
C HIS A 50 2.51 -7.90 -18.33
N GLU A 51 1.49 -7.61 -19.13
CA GLU A 51 0.80 -6.32 -19.03
C GLU A 51 0.27 -5.95 -17.66
N GLU A 52 -0.10 -6.95 -16.85
CA GLU A 52 -0.61 -6.60 -15.53
C GLU A 52 0.48 -5.94 -14.71
N VAL A 53 1.72 -6.36 -14.92
CA VAL A 53 2.84 -5.76 -14.20
C VAL A 53 3.00 -4.32 -14.67
N GLY A 54 2.77 -4.08 -15.96
CA GLY A 54 2.86 -2.74 -16.49
C GLY A 54 1.79 -1.83 -15.91
N ALA A 55 0.57 -2.35 -15.80
CA ALA A 55 -0.54 -1.59 -15.25
C ALA A 55 -0.28 -1.26 -13.78
N MET A 56 0.10 -2.27 -13.01
CA MET A 56 0.37 -2.08 -11.60
C MET A 56 1.54 -1.12 -11.36
N ALA A 57 2.54 -1.17 -12.25
CA ALA A 57 3.70 -0.29 -12.10
C ALA A 57 3.29 1.16 -12.36
N ALA A 58 2.45 1.37 -13.36
CA ALA A 58 2.00 2.71 -13.70
C ALA A 58 1.23 3.29 -12.51
N VAL A 59 0.47 2.44 -11.84
CA VAL A 59 -0.32 2.86 -10.68
C VAL A 59 0.57 3.10 -9.46
N MET A 60 1.39 2.10 -9.12
CA MET A 60 2.28 2.21 -7.98
C MET A 60 3.20 3.43 -8.11
N GLN A 61 3.51 3.81 -9.34
CA GLN A 61 4.35 4.99 -9.59
C GLN A 61 3.78 6.22 -8.87
N SER A 62 2.46 6.41 -9.00
CA SER A 62 1.80 7.53 -8.35
C SER A 62 1.71 7.32 -6.85
N LYS A 63 1.42 6.10 -6.41
CA LYS A 63 1.34 5.84 -4.97
C LYS A 63 2.63 6.26 -4.29
N PHE A 64 3.76 6.06 -4.97
CA PHE A 64 5.06 6.42 -4.41
C PHE A 64 5.44 7.88 -4.64
N GLY A 65 4.46 8.69 -5.07
CA GLY A 65 4.71 10.10 -5.28
C GLY A 65 5.31 10.49 -6.63
N GLY A 66 5.25 9.56 -7.58
CA GLY A 66 5.81 9.82 -8.90
C GLY A 66 4.82 10.53 -9.81
N ASN A 67 5.18 10.62 -11.09
CA ASN A 67 4.34 11.29 -12.08
C ASN A 67 3.16 10.43 -12.51
N LEU A 68 2.22 11.06 -13.21
CA LEU A 68 1.04 10.35 -13.72
C LEU A 68 1.53 9.19 -14.58
N GLY A 69 1.01 8.00 -14.30
CA GLY A 69 1.42 6.84 -15.05
C GLY A 69 0.52 6.54 -16.23
N VAL A 70 1.10 5.93 -17.25
CA VAL A 70 0.37 5.54 -18.45
C VAL A 70 0.67 4.08 -18.71
N THR A 71 -0.37 3.30 -18.94
CA THR A 71 -0.20 1.87 -19.21
C THR A 71 -1.00 1.53 -20.46
N VAL A 72 -0.41 0.68 -21.31
CA VAL A 72 -1.06 0.27 -22.55
C VAL A 72 -1.28 -1.23 -22.61
N GLY A 73 -2.33 -1.63 -23.34
CA GLY A 73 -2.64 -3.04 -23.51
C GLY A 73 -3.16 -3.21 -24.93
N SER A 74 -2.58 -4.13 -25.69
CA SER A 74 -3.01 -4.38 -27.07
C SER A 74 -4.46 -4.87 -27.15
N GLY A 75 -5.09 -4.62 -28.30
CA GLY A 75 -6.48 -5.03 -28.49
C GLY A 75 -6.82 -6.42 -28.00
N GLY A 76 -7.85 -6.51 -27.16
CA GLY A 76 -8.25 -7.81 -26.63
C GLY A 76 -7.50 -8.28 -25.40
N PRO A 77 -6.66 -9.33 -25.53
CA PRO A 77 -5.88 -9.90 -24.44
C PRO A 77 -4.85 -9.00 -23.75
N GLY A 78 -4.36 -8.00 -24.46
CA GLY A 78 -3.39 -7.10 -23.86
C GLY A 78 -4.14 -6.19 -22.90
N ALA A 79 -5.26 -5.66 -23.38
CA ALA A 79 -6.11 -4.77 -22.60
C ALA A 79 -6.69 -5.48 -21.39
N SER A 80 -7.15 -6.71 -21.56
CA SER A 80 -7.73 -7.45 -20.44
C SER A 80 -6.71 -7.79 -19.37
N HIS A 81 -5.43 -7.90 -19.76
CA HIS A 81 -4.37 -8.21 -18.79
C HIS A 81 -4.14 -7.06 -17.82
N LEU A 82 -4.67 -5.88 -18.12
CA LEU A 82 -4.47 -4.72 -17.26
C LEU A 82 -5.38 -4.72 -16.03
N ILE A 83 -6.45 -5.51 -16.08
CA ILE A 83 -7.46 -5.52 -15.01
C ILE A 83 -7.03 -5.46 -13.54
N ASN A 84 -6.14 -6.32 -13.08
CA ASN A 84 -5.77 -6.25 -11.67
C ASN A 84 -5.14 -4.93 -11.27
N GLY A 85 -4.38 -4.34 -12.19
CA GLY A 85 -3.76 -3.05 -11.90
C GLY A 85 -4.78 -1.93 -11.88
N LEU A 86 -5.74 -1.97 -12.80
CA LEU A 86 -6.75 -0.91 -12.87
C LEU A 86 -7.74 -0.98 -11.71
N TYR A 87 -8.13 -2.18 -11.30
CA TYR A 87 -9.06 -2.32 -10.17
C TYR A 87 -8.39 -1.81 -8.90
N ASP A 88 -7.10 -2.07 -8.76
CA ASP A 88 -6.35 -1.62 -7.60
C ASP A 88 -6.36 -0.09 -7.56
N ALA A 89 -6.06 0.52 -8.70
CA ALA A 89 -6.05 1.99 -8.79
C ALA A 89 -7.43 2.58 -8.51
N ALA A 90 -8.47 1.90 -9.00
CA ALA A 90 -9.83 2.38 -8.81
C ALA A 90 -10.22 2.38 -7.33
N MET A 91 -9.92 1.29 -6.64
CA MET A 91 -10.25 1.19 -5.22
C MET A 91 -9.39 2.08 -4.34
N ASP A 92 -8.16 2.36 -4.78
CA ASP A 92 -7.26 3.22 -4.02
C ASP A 92 -7.37 4.69 -4.44
N ASN A 93 -8.20 4.96 -5.44
CA ASN A 93 -8.38 6.32 -5.96
C ASN A 93 -7.05 6.90 -6.44
N ILE A 94 -6.36 6.14 -7.27
CA ILE A 94 -5.06 6.55 -7.81
C ILE A 94 -5.21 6.89 -9.29
N PRO A 95 -4.74 8.08 -9.70
CA PRO A 95 -4.83 8.47 -11.11
C PRO A 95 -3.95 7.63 -12.01
N VAL A 96 -4.49 7.24 -13.17
CA VAL A 96 -3.73 6.45 -14.12
C VAL A 96 -4.44 6.46 -15.47
N VAL A 97 -3.67 6.55 -16.53
CA VAL A 97 -4.23 6.56 -17.88
C VAL A 97 -3.97 5.20 -18.52
N ALA A 98 -5.04 4.55 -18.96
CA ALA A 98 -4.93 3.26 -19.62
C ALA A 98 -5.35 3.38 -21.07
N ILE A 99 -4.46 3.01 -21.97
CA ILE A 99 -4.76 3.07 -23.39
C ILE A 99 -4.91 1.67 -23.95
N LEU A 100 -6.12 1.36 -24.43
CA LEU A 100 -6.40 0.06 -25.01
C LEU A 100 -6.22 0.11 -26.52
N GLY A 101 -5.33 -0.73 -27.05
CA GLY A 101 -5.13 -0.74 -28.49
C GLY A 101 -6.35 -1.41 -29.10
N SER A 102 -6.50 -1.29 -30.41
CA SER A 102 -7.62 -1.92 -31.10
C SER A 102 -7.34 -2.11 -32.57
N ARG A 103 -8.06 -3.03 -33.19
CA ARG A 103 -7.91 -3.27 -34.63
C ARG A 103 -8.26 -1.93 -35.30
N PRO A 104 -7.78 -1.72 -36.53
CA PRO A 104 -8.05 -0.48 -37.28
C PRO A 104 -9.55 -0.20 -37.38
N GLN A 105 -9.90 1.07 -37.54
CA GLN A 105 -11.29 1.50 -37.62
C GLN A 105 -12.14 0.70 -38.61
N ARG A 106 -11.59 0.43 -39.80
CA ARG A 106 -12.33 -0.30 -40.82
C ARG A 106 -12.78 -1.70 -40.39
N GLU A 107 -12.07 -2.28 -39.43
CA GLU A 107 -12.39 -3.63 -38.95
C GLU A 107 -13.41 -3.69 -37.82
N LEU A 108 -13.65 -2.56 -37.15
CA LEU A 108 -14.60 -2.52 -36.05
C LEU A 108 -15.99 -3.00 -36.46
N ASN A 109 -16.60 -3.83 -35.63
CA ASN A 109 -17.94 -4.37 -35.85
C ASN A 109 -18.05 -5.42 -36.95
N MET A 110 -16.93 -5.78 -37.56
CA MET A 110 -16.92 -6.76 -38.64
C MET A 110 -16.69 -8.18 -38.15
N ASP A 111 -16.50 -8.33 -36.84
CA ASP A 111 -16.20 -9.63 -36.26
C ASP A 111 -14.93 -10.12 -36.93
N ALA A 112 -13.94 -9.22 -36.98
CA ALA A 112 -12.66 -9.51 -37.58
C ALA A 112 -11.77 -10.19 -36.55
N PHE A 113 -10.52 -10.44 -36.93
CA PHE A 113 -9.58 -11.09 -36.03
C PHE A 113 -9.29 -10.22 -34.81
N GLN A 114 -9.43 -10.80 -33.63
CA GLN A 114 -9.15 -10.11 -32.38
C GLN A 114 -9.82 -8.74 -32.32
N GLU A 115 -11.02 -8.66 -32.89
CA GLU A 115 -11.79 -7.42 -32.93
C GLU A 115 -13.01 -7.57 -32.03
N LEU A 116 -13.16 -6.65 -31.08
CA LEU A 116 -14.29 -6.71 -30.16
C LEU A 116 -14.58 -5.37 -29.52
N ASN A 117 -15.75 -5.27 -28.90
CA ASN A 117 -16.16 -4.06 -28.20
C ASN A 117 -15.52 -4.11 -26.81
N GLN A 118 -14.54 -3.24 -26.58
CA GLN A 118 -13.84 -3.22 -25.30
C GLN A 118 -14.35 -2.14 -24.36
N ASN A 119 -15.43 -1.46 -24.74
CA ASN A 119 -15.97 -0.40 -23.90
C ASN A 119 -16.53 -0.95 -22.57
N PRO A 120 -17.14 -2.15 -22.60
CA PRO A 120 -17.68 -2.72 -21.37
C PRO A 120 -16.62 -3.17 -20.37
N MET A 121 -15.44 -3.53 -20.88
CA MET A 121 -14.35 -4.04 -20.05
C MET A 121 -14.06 -3.30 -18.75
N TYR A 122 -13.91 -1.98 -18.81
CA TYR A 122 -13.58 -1.21 -17.62
C TYR A 122 -14.57 -0.10 -17.28
N ASP A 123 -15.75 -0.14 -17.87
CA ASP A 123 -16.73 0.91 -17.62
C ASP A 123 -17.12 1.03 -16.14
N HIS A 124 -17.22 -0.10 -15.45
CA HIS A 124 -17.62 -0.09 -14.05
C HIS A 124 -16.65 0.64 -13.11
N ILE A 125 -15.35 0.54 -13.37
CA ILE A 125 -14.36 1.15 -12.49
C ILE A 125 -13.73 2.47 -12.97
N ALA A 126 -13.92 2.82 -14.24
CA ALA A 126 -13.31 4.02 -14.78
C ALA A 126 -14.02 5.35 -14.50
N VAL A 127 -13.24 6.43 -14.46
CA VAL A 127 -13.79 7.76 -14.25
C VAL A 127 -13.95 8.41 -15.63
N TYR A 128 -13.42 7.73 -16.65
CA TYR A 128 -13.45 8.18 -18.04
C TYR A 128 -13.29 6.89 -18.86
N ASN A 129 -14.17 6.64 -19.82
CA ASN A 129 -14.08 5.41 -20.61
C ASN A 129 -14.67 5.60 -22.01
N ARG A 130 -13.82 5.93 -22.97
CA ARG A 130 -14.29 6.21 -24.32
C ARG A 130 -13.53 5.54 -25.45
N ARG A 131 -14.25 5.26 -26.54
CA ARG A 131 -13.64 4.67 -27.73
C ARG A 131 -13.50 5.82 -28.72
N VAL A 132 -12.26 6.16 -29.06
CA VAL A 132 -11.99 7.26 -29.99
C VAL A 132 -12.75 7.01 -31.30
N ALA A 133 -13.59 7.96 -31.68
CA ALA A 133 -14.43 7.85 -32.89
C ALA A 133 -13.75 8.14 -34.22
N TYR A 134 -12.71 8.97 -34.19
CA TYR A 134 -11.96 9.30 -35.40
C TYR A 134 -10.59 9.83 -35.00
N ALA A 135 -9.60 9.62 -35.87
CA ALA A 135 -8.22 10.01 -35.62
C ALA A 135 -7.95 11.41 -35.11
N GLU A 136 -8.55 12.41 -35.76
CA GLU A 136 -8.33 13.80 -35.40
C GLU A 136 -8.63 14.22 -33.95
N GLN A 137 -9.47 13.45 -33.25
CA GLN A 137 -9.77 13.81 -31.86
C GLN A 137 -8.93 13.07 -30.83
N LEU A 138 -8.05 12.18 -31.28
CA LEU A 138 -7.22 11.43 -30.34
C LEU A 138 -6.44 12.33 -29.38
N PRO A 139 -5.78 13.39 -29.90
CA PRO A 139 -5.04 14.28 -29.00
C PRO A 139 -5.91 14.89 -27.91
N LYS A 140 -7.06 15.42 -28.30
CA LYS A 140 -7.97 16.04 -27.33
C LYS A 140 -8.38 15.04 -26.26
N LEU A 141 -8.65 13.80 -26.66
CA LEU A 141 -9.08 12.80 -25.70
C LEU A 141 -7.97 12.31 -24.76
N VAL A 142 -6.73 12.26 -25.24
CA VAL A 142 -5.62 11.85 -24.38
C VAL A 142 -5.41 12.96 -23.37
N ASP A 143 -5.52 14.20 -23.82
CA ASP A 143 -5.36 15.35 -22.94
C ASP A 143 -6.43 15.32 -21.84
N GLU A 144 -7.67 15.06 -22.23
CA GLU A 144 -8.76 15.03 -21.26
C GLU A 144 -8.63 13.82 -20.34
N ALA A 145 -8.14 12.70 -20.88
CA ALA A 145 -7.96 11.50 -20.08
C ALA A 145 -7.00 11.79 -18.92
N ALA A 146 -5.93 12.53 -19.21
CA ALA A 146 -4.96 12.87 -18.18
C ALA A 146 -5.60 13.83 -17.18
N ARG A 147 -6.30 14.84 -17.70
CA ARG A 147 -6.98 15.82 -16.86
C ARG A 147 -7.99 15.13 -15.93
N MET A 148 -8.74 14.17 -16.47
CA MET A 148 -9.75 13.46 -15.68
C MET A 148 -9.15 12.49 -14.68
N ALA A 149 -8.10 11.77 -15.08
CA ALA A 149 -7.46 10.82 -14.19
C ALA A 149 -7.02 11.53 -12.91
N ILE A 150 -6.41 12.70 -13.08
CA ILE A 150 -5.93 13.49 -11.95
C ILE A 150 -7.05 14.15 -11.15
N ALA A 151 -7.99 14.82 -11.83
CA ALA A 151 -9.06 15.50 -11.13
C ALA A 151 -10.03 14.55 -10.42
N LYS A 152 -10.32 13.41 -11.05
CA LYS A 152 -11.24 12.44 -10.48
C LYS A 152 -10.52 11.36 -9.65
N ARG A 153 -9.19 11.45 -9.59
CA ARG A 153 -8.39 10.49 -8.85
C ARG A 153 -8.75 9.04 -9.19
N GLY A 154 -8.60 8.69 -10.45
CA GLY A 154 -8.95 7.34 -10.86
C GLY A 154 -8.46 6.94 -12.24
N VAL A 155 -9.03 5.84 -12.74
CA VAL A 155 -8.68 5.26 -14.04
C VAL A 155 -9.39 5.87 -15.24
N ALA A 156 -8.60 6.47 -16.14
CA ALA A 156 -9.13 7.07 -17.36
C ALA A 156 -8.75 6.12 -18.51
N VAL A 157 -9.76 5.58 -19.18
CA VAL A 157 -9.53 4.62 -20.26
C VAL A 157 -9.92 5.10 -21.66
N LEU A 158 -9.03 4.84 -22.62
CA LEU A 158 -9.28 5.20 -24.02
C LEU A 158 -8.99 4.01 -24.92
N GLU A 159 -9.96 3.63 -25.76
CA GLU A 159 -9.76 2.53 -26.70
C GLU A 159 -9.38 3.21 -28.00
N VAL A 160 -8.19 2.91 -28.50
CA VAL A 160 -7.66 3.55 -29.70
C VAL A 160 -7.38 2.67 -30.91
N PRO A 161 -8.21 2.80 -31.97
CA PRO A 161 -8.00 2.01 -33.19
C PRO A 161 -6.56 2.25 -33.65
N GLY A 162 -5.87 1.17 -33.98
CA GLY A 162 -4.48 1.25 -34.39
C GLY A 162 -4.07 2.08 -35.59
N ASP A 163 -5.03 2.52 -36.40
CA ASP A 163 -4.69 3.30 -37.59
C ASP A 163 -4.72 4.82 -37.37
N PHE A 164 -5.32 5.25 -36.25
CA PHE A 164 -5.45 6.67 -35.95
C PHE A 164 -4.15 7.47 -35.75
N ALA A 165 -3.22 6.92 -34.98
CA ALA A 165 -1.96 7.61 -34.69
C ALA A 165 -1.09 7.90 -35.92
N LYS A 166 -1.36 7.23 -37.03
CA LYS A 166 -0.59 7.45 -38.25
C LYS A 166 -1.03 8.69 -39.01
N VAL A 167 -2.25 9.15 -38.74
CA VAL A 167 -2.81 10.32 -39.40
C VAL A 167 -2.11 11.62 -39.04
N GLU A 168 -2.07 12.55 -39.98
CA GLU A 168 -1.45 13.85 -39.79
C GLU A 168 -2.48 14.97 -39.68
N ILE A 169 -2.18 15.99 -38.89
CA ILE A 169 -3.09 17.12 -38.70
C ILE A 169 -2.30 18.42 -38.64
N ASP A 170 -3.01 19.54 -38.66
CA ASP A 170 -2.39 20.86 -38.56
C ASP A 170 -1.98 21.04 -37.11
N ASN A 171 -0.79 21.60 -36.89
CA ASN A 171 -0.30 21.79 -35.53
C ASN A 171 -1.24 22.64 -34.68
N ASP A 172 -2.03 23.49 -35.31
CA ASP A 172 -2.95 24.35 -34.57
C ASP A 172 -4.26 23.64 -34.28
N GLN A 173 -4.32 22.34 -34.60
CA GLN A 173 -5.53 21.56 -34.36
C GLN A 173 -5.43 20.67 -33.12
N TRP A 174 -4.56 21.06 -32.19
CA TRP A 174 -4.39 20.32 -30.95
C TRP A 174 -3.78 21.24 -29.90
N TYR A 175 -4.02 20.91 -28.64
CA TYR A 175 -3.45 21.67 -27.54
C TYR A 175 -3.52 20.84 -26.27
N SER A 176 -2.73 21.25 -25.28
CA SER A 176 -2.71 20.58 -23.99
C SER A 176 -3.29 21.52 -22.94
N SER A 177 -4.07 20.98 -22.01
CA SER A 177 -4.65 21.81 -20.96
C SER A 177 -3.85 21.62 -19.66
N ALA A 178 -2.67 21.02 -19.78
CA ALA A 178 -1.81 20.78 -18.63
C ALA A 178 -1.41 22.08 -17.94
N ASN A 179 -1.26 23.15 -18.71
CA ASN A 179 -0.87 24.45 -18.18
C ASN A 179 -1.94 25.03 -17.26
N SER A 180 -3.17 24.54 -17.43
CA SER A 180 -4.31 25.01 -16.63
C SER A 180 -4.55 24.11 -15.43
N LEU A 181 -3.67 23.14 -15.20
CA LEU A 181 -3.84 22.25 -14.06
C LEU A 181 -3.80 23.06 -12.78
N ARG A 182 -4.80 22.87 -11.94
CA ARG A 182 -4.88 23.56 -10.66
C ARG A 182 -5.43 22.58 -9.65
N LYS A 183 -4.97 22.69 -8.41
CA LYS A 183 -5.43 21.82 -7.34
C LYS A 183 -5.82 22.67 -6.14
N TYR A 184 -6.77 22.17 -5.37
CA TYR A 184 -7.21 22.89 -4.19
C TYR A 184 -6.19 22.77 -3.07
N ALA A 185 -5.91 23.90 -2.43
CA ALA A 185 -4.96 23.93 -1.33
C ALA A 185 -5.67 23.36 -0.11
N PRO A 186 -4.92 22.99 0.94
CA PRO A 186 -5.54 22.45 2.16
C PRO A 186 -6.72 23.28 2.63
N ILE A 187 -7.83 22.61 2.95
CA ILE A 187 -9.03 23.27 3.41
C ILE A 187 -9.03 23.47 4.93
N ALA A 188 -9.19 24.71 5.37
CA ALA A 188 -9.22 25.03 6.79
C ALA A 188 -10.54 24.53 7.39
N PRO A 189 -10.47 23.86 8.55
CA PRO A 189 -11.66 23.33 9.22
C PRO A 189 -12.51 24.43 9.87
N ALA A 190 -13.78 24.13 10.10
CA ALA A 190 -14.69 25.08 10.72
C ALA A 190 -14.38 25.16 12.22
N ALA A 191 -14.17 26.37 12.72
CA ALA A 191 -13.84 26.56 14.13
C ALA A 191 -14.89 25.91 15.04
N GLN A 192 -16.15 25.97 14.62
CA GLN A 192 -17.25 25.41 15.39
C GLN A 192 -17.04 23.91 15.64
N ASP A 193 -16.60 23.21 14.60
CA ASP A 193 -16.38 21.77 14.69
C ASP A 193 -15.09 21.45 15.46
N ILE A 194 -14.08 22.31 15.32
CA ILE A 194 -12.83 22.12 16.03
C ILE A 194 -13.10 22.27 17.54
N ASP A 195 -13.90 23.27 17.89
CA ASP A 195 -14.23 23.54 19.29
C ASP A 195 -15.03 22.40 19.93
N ALA A 196 -15.94 21.81 19.18
CA ALA A 196 -16.75 20.70 19.71
C ALA A 196 -15.82 19.51 19.98
N ALA A 197 -14.84 19.34 19.10
CA ALA A 197 -13.87 18.27 19.22
C ALA A 197 -12.98 18.49 20.45
N VAL A 198 -12.55 19.73 20.64
CA VAL A 198 -11.70 20.07 21.78
C VAL A 198 -12.43 19.78 23.09
N GLU A 199 -13.70 20.16 23.15
CA GLU A 199 -14.51 19.95 24.34
C GLU A 199 -14.59 18.46 24.71
N LEU A 200 -14.87 17.62 23.71
CA LEU A 200 -14.96 16.19 23.96
C LEU A 200 -13.63 15.61 24.42
N LEU A 201 -12.55 15.99 23.74
CA LEU A 201 -11.23 15.49 24.11
C LEU A 201 -10.86 15.90 25.52
N ASN A 202 -11.16 17.14 25.88
CA ASN A 202 -10.87 17.67 27.21
C ASN A 202 -11.58 16.89 28.31
N ASN A 203 -12.81 16.49 28.03
CA ASN A 203 -13.62 15.77 29.02
C ASN A 203 -13.51 14.25 28.98
N SER A 204 -12.70 13.72 28.06
CA SER A 204 -12.54 12.28 27.94
C SER A 204 -11.55 11.72 28.96
N LYS A 205 -11.87 10.55 29.51
CA LYS A 205 -11.00 9.90 30.47
C LYS A 205 -10.08 8.92 29.75
N ARG A 206 -10.50 8.47 28.58
CA ARG A 206 -9.70 7.52 27.80
C ARG A 206 -9.68 7.86 26.31
N PRO A 207 -9.00 8.95 25.94
CA PRO A 207 -8.92 9.36 24.54
C PRO A 207 -7.93 8.52 23.75
N VAL A 208 -8.20 8.34 22.46
CA VAL A 208 -7.31 7.59 21.59
C VAL A 208 -7.34 8.24 20.21
N ILE A 209 -6.18 8.33 19.58
CA ILE A 209 -6.06 8.92 18.25
C ILE A 209 -5.92 7.79 17.23
N TYR A 210 -6.83 7.72 16.26
CA TYR A 210 -6.80 6.69 15.22
C TYR A 210 -6.47 7.41 13.91
N ALA A 211 -5.20 7.32 13.50
CA ALA A 211 -4.74 8.03 12.31
C ALA A 211 -4.52 7.23 11.03
N GLY A 212 -5.22 7.63 9.97
CA GLY A 212 -5.09 7.00 8.67
C GLY A 212 -4.19 7.86 7.79
N ILE A 213 -4.04 7.50 6.52
CA ILE A 213 -3.14 8.26 5.64
C ILE A 213 -3.52 9.71 5.42
N GLY A 214 -4.67 10.12 5.93
CA GLY A 214 -5.04 11.51 5.81
C GLY A 214 -4.06 12.35 6.60
N THR A 215 -3.37 11.71 7.54
CA THR A 215 -2.39 12.40 8.38
C THR A 215 -0.96 12.32 7.83
N MET A 216 -0.80 11.75 6.63
CA MET A 216 0.52 11.66 6.02
C MET A 216 1.15 13.06 5.97
N GLY A 217 2.40 13.15 6.39
CA GLY A 217 3.09 14.43 6.38
C GLY A 217 2.94 15.20 7.68
N HIS A 218 2.09 14.71 8.58
CA HIS A 218 1.87 15.40 9.84
C HIS A 218 2.03 14.51 11.07
N GLY A 219 2.88 13.49 10.96
CA GLY A 219 3.12 12.59 12.07
C GLY A 219 3.67 13.31 13.30
N PRO A 220 4.66 14.19 13.13
CA PRO A 220 5.19 14.89 14.32
C PRO A 220 4.10 15.61 15.09
N ALA A 221 3.17 16.25 14.37
CA ALA A 221 2.07 16.97 15.00
C ALA A 221 1.12 16.03 15.75
N VAL A 222 0.84 14.87 15.15
CA VAL A 222 -0.03 13.91 15.79
C VAL A 222 0.65 13.39 17.06
N GLN A 223 1.95 13.13 16.98
CA GLN A 223 2.69 12.63 18.14
C GLN A 223 2.72 13.69 19.24
N GLU A 224 2.77 14.96 18.83
CA GLU A 224 2.78 16.07 19.78
C GLU A 224 1.41 16.16 20.47
N LEU A 225 0.34 16.00 19.70
CA LEU A 225 -1.01 16.05 20.26
C LEU A 225 -1.20 14.88 21.21
N ALA A 226 -0.73 13.70 20.79
CA ALA A 226 -0.83 12.49 21.60
C ALA A 226 -0.20 12.72 22.98
N ARG A 227 0.99 13.30 22.99
CA ARG A 227 1.69 13.57 24.24
C ARG A 227 1.03 14.68 25.06
N LYS A 228 0.53 15.71 24.38
CA LYS A 228 -0.11 16.81 25.09
C LYS A 228 -1.33 16.38 25.91
N ILE A 229 -2.23 15.62 25.30
CA ILE A 229 -3.43 15.16 26.01
C ILE A 229 -3.31 13.73 26.51
N LYS A 230 -2.14 13.14 26.35
CA LYS A 230 -1.89 11.78 26.81
C LYS A 230 -2.87 10.78 26.18
N ALA A 231 -2.95 10.81 24.86
CA ALA A 231 -3.82 9.90 24.13
C ALA A 231 -2.97 8.97 23.27
N PRO A 232 -3.07 7.65 23.50
CA PRO A 232 -2.28 6.71 22.70
C PRO A 232 -2.65 6.82 21.22
N VAL A 233 -1.76 6.35 20.36
CA VAL A 233 -2.01 6.41 18.93
C VAL A 233 -2.20 5.03 18.30
N ILE A 234 -3.21 4.94 17.45
CA ILE A 234 -3.49 3.72 16.71
C ILE A 234 -3.35 4.15 15.26
N THR A 235 -2.74 3.32 14.43
CA THR A 235 -2.58 3.66 13.03
C THR A 235 -3.26 2.62 12.15
N THR A 236 -3.35 2.90 10.86
CA THR A 236 -3.97 1.97 9.92
C THR A 236 -2.86 1.20 9.22
N GLY A 237 -3.21 0.08 8.59
CA GLY A 237 -2.22 -0.72 7.90
C GLY A 237 -1.50 0.00 6.77
N LYS A 238 -2.04 1.12 6.32
CA LYS A 238 -1.43 1.90 5.23
C LYS A 238 -0.59 3.08 5.75
N ASN A 239 -0.74 3.40 7.02
CA ASN A 239 -0.10 4.59 7.60
C ASN A 239 1.05 4.47 8.62
N PHE A 240 1.72 3.33 8.67
CA PHE A 240 2.81 3.18 9.64
C PHE A 240 4.00 4.14 9.48
N GLU A 241 4.35 4.49 8.26
CA GLU A 241 5.50 5.36 8.01
C GLU A 241 5.36 6.76 8.59
N THR A 242 4.12 7.18 8.84
CA THR A 242 3.84 8.50 9.38
C THR A 242 4.38 8.68 10.79
N PHE A 243 4.62 7.57 11.48
CA PHE A 243 5.12 7.64 12.84
C PHE A 243 6.52 7.08 12.99
N GLU A 244 7.22 7.55 14.03
CA GLU A 244 8.55 7.06 14.31
C GLU A 244 8.25 5.67 14.87
N TRP A 245 8.87 4.65 14.30
CA TRP A 245 8.62 3.28 14.72
C TRP A 245 8.72 3.05 16.22
N ASP A 246 9.58 3.82 16.90
CA ASP A 246 9.75 3.65 18.33
C ASP A 246 9.03 4.68 19.20
N PHE A 247 8.02 5.32 18.63
CA PHE A 247 7.26 6.32 19.38
C PHE A 247 6.67 5.60 20.60
N GLU A 248 6.90 6.19 21.78
CA GLU A 248 6.45 5.61 23.03
C GLU A 248 4.97 5.23 23.11
N ALA A 249 4.11 6.01 22.47
CA ALA A 249 2.67 5.75 22.53
C ALA A 249 2.03 5.14 21.30
N LEU A 250 2.82 4.58 20.39
CA LEU A 250 2.28 3.95 19.19
C LEU A 250 1.84 2.53 19.57
N THR A 251 0.54 2.26 19.44
CA THR A 251 -0.01 0.94 19.77
C THR A 251 -0.10 0.01 18.57
N GLY A 252 0.15 0.53 17.37
CA GLY A 252 0.08 -0.27 16.17
C GLY A 252 -1.26 -0.13 15.48
N SER A 253 -1.68 -1.17 14.77
CA SER A 253 -2.96 -1.17 14.06
C SER A 253 -3.90 -2.22 14.64
N THR A 254 -5.21 -2.08 14.40
CA THR A 254 -6.17 -3.05 14.92
C THR A 254 -6.49 -4.17 13.93
N TYR A 255 -7.15 -5.20 14.45
CA TYR A 255 -7.53 -6.40 13.72
C TYR A 255 -6.31 -7.30 13.42
N ARG A 256 -6.44 -8.21 12.47
CA ARG A 256 -5.37 -9.17 12.12
C ARG A 256 -3.98 -8.65 11.78
N VAL A 257 -3.88 -7.77 10.78
CA VAL A 257 -2.57 -7.22 10.44
C VAL A 257 -2.40 -6.01 11.35
N GLY A 258 -2.08 -6.28 12.61
CA GLY A 258 -1.90 -5.23 13.59
C GLY A 258 -1.04 -5.70 14.74
N TRP A 259 -1.11 -4.98 15.85
CA TRP A 259 -0.34 -5.32 17.05
C TRP A 259 -1.33 -5.62 18.18
N LYS A 260 -0.83 -6.27 19.23
CA LYS A 260 -1.64 -6.58 20.39
C LYS A 260 -2.15 -5.32 21.11
N PRO A 261 -1.27 -4.32 21.35
CA PRO A 261 -1.71 -3.09 22.03
C PRO A 261 -2.91 -2.38 21.41
N ALA A 262 -2.82 -2.09 20.12
CA ALA A 262 -3.91 -1.40 19.43
C ALA A 262 -5.24 -2.14 19.55
N ASN A 263 -5.20 -3.46 19.38
CA ASN A 263 -6.41 -4.26 19.47
C ASN A 263 -7.06 -4.21 20.85
N GLU A 264 -6.25 -4.09 21.90
CA GLU A 264 -6.80 -4.02 23.25
C GLU A 264 -7.24 -2.60 23.60
N THR A 265 -6.48 -1.62 23.14
CA THR A 265 -6.77 -0.21 23.38
C THR A 265 -8.13 0.23 22.85
N ILE A 266 -8.42 -0.10 21.59
CA ILE A 266 -9.67 0.32 20.97
C ILE A 266 -10.91 -0.20 21.70
N LEU A 267 -10.80 -1.36 22.33
CA LEU A 267 -11.92 -1.94 23.06
C LEU A 267 -12.07 -1.36 24.47
N GLU A 268 -11.09 -0.57 24.89
CA GLU A 268 -11.13 0.05 26.23
C GLU A 268 -11.24 1.57 26.17
N ALA A 269 -11.17 2.13 24.96
CA ALA A 269 -11.23 3.58 24.78
C ALA A 269 -12.63 4.18 24.93
N ASP A 270 -12.68 5.48 25.22
CA ASP A 270 -13.95 6.18 25.38
C ASP A 270 -14.21 7.15 24.23
N THR A 271 -13.18 7.90 23.87
CA THR A 271 -13.28 8.90 22.79
C THR A 271 -12.22 8.66 21.71
N VAL A 272 -12.69 8.52 20.48
CA VAL A 272 -11.79 8.28 19.36
C VAL A 272 -11.70 9.48 18.42
N LEU A 273 -10.47 9.88 18.09
CA LEU A 273 -10.27 10.97 17.14
C LEU A 273 -9.84 10.27 15.85
N PHE A 274 -10.85 9.97 15.03
CA PHE A 274 -10.66 9.28 13.75
C PHE A 274 -10.16 10.30 12.72
N ALA A 275 -8.84 10.37 12.55
CA ALA A 275 -8.25 11.34 11.64
C ALA A 275 -7.76 10.82 10.30
N GLY A 276 -8.43 11.25 9.23
CA GLY A 276 -8.03 10.84 7.89
C GLY A 276 -7.98 9.34 7.64
N SER A 277 -9.09 8.66 7.92
CA SER A 277 -9.15 7.22 7.72
C SER A 277 -10.50 6.73 7.19
N ASN A 278 -10.46 5.58 6.53
CA ASN A 278 -11.67 4.94 6.01
C ASN A 278 -11.51 3.44 6.28
N PHE A 279 -10.96 3.14 7.46
CA PHE A 279 -10.72 1.77 7.93
C PHE A 279 -11.88 0.87 7.50
N PRO A 280 -11.63 -0.06 6.57
CA PRO A 280 -12.65 -0.98 6.04
C PRO A 280 -13.23 -2.06 6.96
N PHE A 281 -12.53 -2.38 8.03
CA PHE A 281 -12.97 -3.42 8.96
C PHE A 281 -13.89 -2.88 10.07
N SER A 282 -13.99 -1.57 10.15
CA SER A 282 -14.79 -0.90 11.18
C SER A 282 -16.10 -1.59 11.57
N GLU A 283 -17.03 -1.66 10.63
CA GLU A 283 -18.33 -2.27 10.91
C GLU A 283 -18.32 -3.78 11.08
N VAL A 284 -17.82 -4.49 10.07
CA VAL A 284 -17.81 -5.95 10.11
C VAL A 284 -17.03 -6.61 11.23
N GLU A 285 -16.07 -5.91 11.83
CA GLU A 285 -15.31 -6.49 12.93
C GLU A 285 -15.64 -5.80 14.27
N GLY A 286 -16.62 -4.91 14.24
CA GLY A 286 -17.04 -4.20 15.44
C GLY A 286 -15.91 -3.46 16.15
N THR A 287 -15.01 -2.88 15.38
CA THR A 287 -13.85 -2.16 15.90
C THR A 287 -14.20 -1.17 17.01
N PHE A 288 -15.23 -0.37 16.78
CA PHE A 288 -15.63 0.67 17.73
C PHE A 288 -16.83 0.33 18.60
N ARG A 289 -17.09 -0.96 18.79
CA ARG A 289 -18.25 -1.36 19.58
C ARG A 289 -18.32 -0.83 21.01
N ASN A 290 -17.19 -0.56 21.65
CA ASN A 290 -17.21 -0.06 23.02
C ASN A 290 -16.93 1.44 23.20
N VAL A 291 -16.76 2.16 22.09
CA VAL A 291 -16.49 3.60 22.15
C VAL A 291 -17.73 4.40 22.55
N ASP A 292 -17.52 5.52 23.26
CA ASP A 292 -18.62 6.37 23.70
C ASP A 292 -18.82 7.58 22.78
N ASN A 293 -17.72 8.16 22.33
CA ASN A 293 -17.75 9.32 21.46
C ASN A 293 -16.82 9.11 20.27
N PHE A 294 -17.23 9.64 19.12
CA PHE A 294 -16.48 9.48 17.87
C PHE A 294 -16.34 10.82 17.15
N ILE A 295 -15.10 11.28 16.99
CA ILE A 295 -14.81 12.53 16.31
C ILE A 295 -14.08 12.20 15.01
N GLN A 296 -14.58 12.68 13.88
CA GLN A 296 -13.92 12.38 12.61
C GLN A 296 -13.48 13.61 11.83
N ILE A 297 -12.29 13.51 11.25
CA ILE A 297 -11.69 14.56 10.43
C ILE A 297 -11.44 13.97 9.05
N ASP A 298 -11.91 14.65 8.01
CA ASP A 298 -11.70 14.16 6.65
C ASP A 298 -11.94 15.28 5.65
N ILE A 299 -11.29 15.21 4.49
CA ILE A 299 -11.48 16.23 3.48
C ILE A 299 -12.57 15.83 2.49
N ASP A 300 -13.06 14.60 2.63
CA ASP A 300 -14.09 14.07 1.73
C ASP A 300 -15.44 13.95 2.45
N PRO A 301 -16.40 14.81 2.10
CA PRO A 301 -17.73 14.77 2.73
C PRO A 301 -18.37 13.37 2.71
N ALA A 302 -18.09 12.61 1.67
CA ALA A 302 -18.66 11.27 1.53
C ALA A 302 -18.25 10.33 2.67
N MET A 303 -17.13 10.64 3.32
CA MET A 303 -16.61 9.81 4.41
C MET A 303 -17.11 10.17 5.81
N LEU A 304 -17.66 11.37 5.96
CA LEU A 304 -18.11 11.82 7.27
C LEU A 304 -19.27 11.04 7.87
N GLY A 305 -18.98 10.28 8.93
CA GLY A 305 -19.99 9.48 9.59
C GLY A 305 -20.21 8.13 8.90
N LYS A 306 -19.30 7.78 7.99
CA LYS A 306 -19.43 6.52 7.25
C LYS A 306 -19.15 5.26 8.04
N ARG A 307 -18.02 5.23 8.74
CA ARG A 307 -17.62 4.06 9.51
C ARG A 307 -18.19 3.95 10.90
N HIS A 308 -18.83 5.03 11.36
CA HIS A 308 -19.44 5.06 12.68
C HIS A 308 -20.15 6.40 12.83
N HIS A 309 -21.16 6.46 13.68
CA HIS A 309 -21.86 7.71 13.91
C HIS A 309 -20.81 8.69 14.43
N ALA A 310 -20.83 9.92 13.91
CA ALA A 310 -19.86 10.91 14.35
C ALA A 310 -20.53 11.95 15.23
N ASP A 311 -20.04 12.07 16.46
CA ASP A 311 -20.57 13.06 17.40
C ASP A 311 -20.06 14.42 16.98
N VAL A 312 -18.91 14.42 16.33
CA VAL A 312 -18.28 15.65 15.83
C VAL A 312 -17.69 15.33 14.46
N ALA A 313 -18.01 16.17 13.48
CA ALA A 313 -17.52 15.98 12.12
C ALA A 313 -16.75 17.22 11.69
N ILE A 314 -15.52 17.01 11.26
CA ILE A 314 -14.65 18.10 10.83
C ILE A 314 -14.27 17.93 9.36
N LEU A 315 -14.77 18.81 8.50
CA LEU A 315 -14.45 18.76 7.08
C LEU A 315 -13.22 19.64 6.88
N GLY A 316 -12.11 19.02 6.49
CA GLY A 316 -10.90 19.79 6.27
C GLY A 316 -9.62 18.97 6.33
N ASP A 317 -8.52 19.62 5.97
CA ASP A 317 -7.22 18.98 5.97
C ASP A 317 -6.84 18.51 7.38
N ALA A 318 -6.38 17.27 7.49
CA ALA A 318 -6.01 16.69 8.78
C ALA A 318 -4.89 17.47 9.47
N ALA A 319 -3.98 18.00 8.66
CA ALA A 319 -2.86 18.78 9.19
C ALA A 319 -3.36 20.01 9.93
N LEU A 320 -4.16 20.80 9.23
CA LEU A 320 -4.69 22.02 9.80
C LEU A 320 -5.58 21.72 11.00
N ALA A 321 -6.40 20.68 10.90
CA ALA A 321 -7.29 20.30 11.99
C ALA A 321 -6.47 19.90 13.23
N ILE A 322 -5.48 19.06 13.03
CA ILE A 322 -4.63 18.62 14.13
C ILE A 322 -3.95 19.82 14.80
N ASP A 323 -3.46 20.75 13.98
CA ASP A 323 -2.81 21.95 14.53
C ASP A 323 -3.77 22.78 15.36
N GLU A 324 -4.97 23.01 14.85
CA GLU A 324 -5.96 23.81 15.57
C GLU A 324 -6.33 23.13 16.88
N ILE A 325 -6.53 21.83 16.84
CA ILE A 325 -6.88 21.08 18.05
C ILE A 325 -5.73 21.14 19.05
N LEU A 326 -4.51 20.92 18.56
CA LEU A 326 -3.33 20.94 19.41
C LEU A 326 -3.21 22.27 20.15
N ASN A 327 -3.51 23.37 19.45
CA ASN A 327 -3.42 24.70 20.03
C ASN A 327 -4.52 25.06 21.03
N LYS A 328 -5.72 24.52 20.84
CA LYS A 328 -6.84 24.83 21.74
C LYS A 328 -7.06 23.88 22.90
N VAL A 329 -6.67 22.62 22.73
CA VAL A 329 -6.88 21.62 23.77
C VAL A 329 -6.05 21.84 25.03
N ASP A 330 -6.55 21.35 26.16
CA ASP A 330 -5.85 21.48 27.44
C ASP A 330 -4.77 20.43 27.56
N ALA A 331 -3.63 20.81 28.14
CA ALA A 331 -2.53 19.88 28.32
C ALA A 331 -2.87 18.98 29.50
N VAL A 332 -2.45 17.72 29.41
CA VAL A 332 -2.69 16.76 30.48
C VAL A 332 -1.35 16.30 31.04
N GLU A 333 -1.13 16.59 32.33
CA GLU A 333 0.12 16.24 32.98
C GLU A 333 0.33 14.74 33.17
N GLU A 334 -0.60 14.07 33.82
CA GLU A 334 -0.48 12.64 34.05
C GLU A 334 -1.79 11.93 33.75
N SER A 335 -1.70 10.64 33.47
CA SER A 335 -2.89 9.86 33.15
C SER A 335 -2.65 8.37 33.34
N ALA A 336 -3.49 7.73 34.15
CA ALA A 336 -3.36 6.30 34.39
C ALA A 336 -3.59 5.55 33.07
N TRP A 337 -4.53 6.07 32.28
CA TRP A 337 -4.86 5.50 30.97
C TRP A 337 -3.61 5.45 30.10
N TRP A 338 -2.88 6.56 30.07
CA TRP A 338 -1.65 6.68 29.29
C TRP A 338 -0.58 5.73 29.82
N THR A 339 -0.34 5.79 31.13
CA THR A 339 0.66 4.93 31.76
C THR A 339 0.41 3.45 31.49
N ALA A 340 -0.85 3.02 31.62
CA ALA A 340 -1.19 1.62 31.38
C ALA A 340 -0.88 1.23 29.94
N ASN A 341 -1.21 2.11 29.01
CA ASN A 341 -0.95 1.87 27.59
C ASN A 341 0.53 1.77 27.25
N LEU A 342 1.34 2.69 27.79
CA LEU A 342 2.77 2.67 27.52
C LEU A 342 3.38 1.35 27.97
N LYS A 343 2.94 0.84 29.12
CA LYS A 343 3.46 -0.43 29.61
C LYS A 343 3.00 -1.58 28.72
N ASN A 344 1.76 -1.52 28.26
CA ASN A 344 1.23 -2.57 27.39
C ASN A 344 2.04 -2.60 26.10
N ILE A 345 2.36 -1.41 25.58
CA ILE A 345 3.16 -1.30 24.37
C ILE A 345 4.56 -1.86 24.60
N ALA A 346 5.19 -1.46 25.70
CA ALA A 346 6.54 -1.94 26.03
C ALA A 346 6.58 -3.46 26.11
N ASN A 347 5.56 -4.05 26.73
CA ASN A 347 5.46 -5.50 26.86
C ASN A 347 5.47 -6.16 25.48
N TRP A 348 4.72 -5.57 24.56
CA TRP A 348 4.63 -6.07 23.20
C TRP A 348 5.96 -5.94 22.46
N ARG A 349 6.64 -4.82 22.65
CA ARG A 349 7.93 -4.63 21.98
C ARG A 349 8.98 -5.62 22.49
N GLU A 350 8.88 -6.02 23.75
CA GLU A 350 9.83 -6.98 24.32
C GLU A 350 9.67 -8.31 23.59
N TYR A 351 8.40 -8.66 23.34
CA TYR A 351 8.05 -9.89 22.64
C TYR A 351 8.60 -9.87 21.21
N ILE A 352 8.24 -8.83 20.46
CA ILE A 352 8.69 -8.70 19.08
C ILE A 352 10.23 -8.69 18.97
N ASN A 353 10.88 -7.93 19.83
CA ASN A 353 12.34 -7.83 19.79
C ASN A 353 13.01 -9.18 20.05
N MET A 354 12.46 -9.95 20.98
CA MET A 354 13.04 -11.26 21.31
C MET A 354 12.95 -12.23 20.13
N LEU A 355 11.88 -12.12 19.34
CA LEU A 355 11.71 -12.98 18.18
C LEU A 355 12.66 -12.57 17.06
N GLU A 356 12.80 -11.26 16.87
CA GLU A 356 13.66 -10.71 15.83
C GLU A 356 15.14 -10.98 16.06
N THR A 357 15.55 -10.98 17.32
CA THR A 357 16.95 -11.16 17.66
C THR A 357 17.43 -12.56 18.03
N LYS A 358 16.70 -13.59 17.63
CA LYS A 358 17.15 -14.96 17.92
C LYS A 358 18.51 -15.11 17.24
N GLU A 359 19.37 -15.96 17.79
CA GLU A 359 20.70 -16.13 17.23
C GLU A 359 20.94 -17.36 16.35
N GLU A 360 20.26 -18.46 16.66
CA GLU A 360 20.45 -19.69 15.87
C GLU A 360 19.14 -20.45 15.70
N GLY A 361 19.07 -21.25 14.65
CA GLY A 361 17.88 -22.04 14.39
C GLY A 361 17.35 -21.92 12.98
N ASP A 362 16.24 -22.60 12.72
CA ASP A 362 15.60 -22.55 11.41
C ASP A 362 15.05 -21.15 11.21
N LEU A 363 15.31 -20.58 10.04
CA LEU A 363 14.87 -19.22 9.72
C LEU A 363 13.36 -18.99 9.82
N GLN A 364 13.00 -17.86 10.39
CA GLN A 364 11.60 -17.43 10.54
C GLN A 364 11.57 -16.04 9.91
N PHE A 365 10.42 -15.60 9.45
CA PHE A 365 10.36 -14.27 8.84
C PHE A 365 10.77 -13.16 9.81
N TYR A 366 10.63 -13.43 11.12
CA TYR A 366 11.00 -12.45 12.14
C TYR A 366 12.46 -12.01 11.95
N GLN A 367 13.36 -12.98 11.77
CA GLN A 367 14.77 -12.67 11.62
C GLN A 367 15.12 -12.05 10.27
N VAL A 368 14.30 -12.33 9.26
CA VAL A 368 14.54 -11.75 7.94
C VAL A 368 14.30 -10.24 8.09
N TYR A 369 13.21 -9.88 8.76
CA TYR A 369 12.90 -8.46 8.97
C TYR A 369 13.96 -7.81 9.84
N ASN A 370 14.52 -8.57 10.78
CA ASN A 370 15.58 -8.05 11.64
C ASN A 370 16.76 -7.65 10.76
N ALA A 371 17.16 -8.54 9.86
CA ALA A 371 18.27 -8.28 8.96
C ALA A 371 18.00 -7.06 8.08
N ILE A 372 16.76 -6.91 7.62
CA ILE A 372 16.41 -5.75 6.80
C ILE A 372 16.61 -4.47 7.62
N ASN A 373 16.14 -4.48 8.87
CA ASN A 373 16.29 -3.32 9.74
C ASN A 373 17.76 -2.96 9.96
N ASN A 374 18.61 -3.97 10.03
CA ASN A 374 20.03 -3.74 10.28
C ASN A 374 20.85 -3.31 9.06
N HIS A 375 20.29 -3.43 7.87
CA HIS A 375 21.05 -3.06 6.67
C HIS A 375 20.41 -2.06 5.73
N ALA A 376 19.12 -1.76 5.92
CA ALA A 376 18.42 -0.83 5.05
C ALA A 376 18.79 0.64 5.26
N ASP A 377 18.73 1.41 4.18
CA ASP A 377 19.00 2.84 4.23
C ASP A 377 17.87 3.49 5.01
N GLU A 378 18.15 4.61 5.64
CA GLU A 378 17.14 5.29 6.43
C GLU A 378 15.96 5.78 5.58
N ASP A 379 16.19 5.99 4.29
CA ASP A 379 15.12 6.46 3.42
C ASP A 379 14.65 5.39 2.43
N ALA A 380 14.89 4.13 2.78
CA ALA A 380 14.50 3.02 1.93
C ALA A 380 13.01 3.02 1.59
N ILE A 381 12.67 2.51 0.40
CA ILE A 381 11.30 2.41 -0.06
C ILE A 381 10.92 0.94 0.00
N TYR A 382 9.73 0.65 0.53
CA TYR A 382 9.25 -0.72 0.64
C TYR A 382 7.98 -0.96 -0.19
N SER A 383 8.08 -1.90 -1.13
CA SER A 383 6.96 -2.29 -1.98
C SER A 383 6.55 -3.65 -1.43
N ILE A 384 5.42 -3.68 -0.75
CA ILE A 384 4.93 -4.88 -0.07
C ILE A 384 3.83 -5.65 -0.79
N ASP A 385 4.03 -6.96 -0.98
CA ASP A 385 3.00 -7.74 -1.65
C ASP A 385 1.91 -8.19 -0.68
N VAL A 386 0.93 -8.91 -1.21
CA VAL A 386 -0.21 -9.38 -0.43
C VAL A 386 -0.01 -10.82 0.03
N GLY A 387 -0.04 -11.01 1.34
CA GLY A 387 0.15 -12.32 1.92
C GLY A 387 0.38 -12.18 3.40
N ASN A 388 0.44 -13.31 4.11
CA ASN A 388 0.63 -13.31 5.54
C ASN A 388 2.04 -12.85 5.95
N SER A 389 3.06 -13.43 5.32
CA SER A 389 4.44 -13.07 5.64
C SER A 389 4.82 -11.63 5.34
N THR A 390 4.32 -11.10 4.23
CA THR A 390 4.62 -9.72 3.83
C THR A 390 3.87 -8.66 4.62
N GLN A 391 2.57 -8.82 4.81
CA GLN A 391 1.80 -7.84 5.55
C GLN A 391 2.24 -7.74 7.01
N THR A 392 2.78 -8.82 7.56
CA THR A 392 3.20 -8.79 8.96
C THR A 392 4.44 -7.89 9.11
N SER A 393 4.93 -7.36 7.98
CA SER A 393 6.08 -6.49 8.00
C SER A 393 5.84 -5.26 8.88
N ILE A 394 4.59 -4.84 9.00
CA ILE A 394 4.30 -3.67 9.82
C ILE A 394 4.53 -3.88 11.32
N ARG A 395 4.75 -5.14 11.71
CA ARG A 395 5.02 -5.44 13.12
C ARG A 395 6.53 -5.41 13.35
N HIS A 396 7.29 -5.37 12.26
CA HIS A 396 8.74 -5.42 12.37
C HIS A 396 9.59 -4.29 11.80
N LEU A 397 9.26 -3.80 10.61
CA LEU A 397 10.03 -2.73 10.00
C LEU A 397 10.11 -1.48 10.86
N HIS A 398 11.33 -0.99 11.09
CA HIS A 398 11.56 0.21 11.90
C HIS A 398 11.53 1.44 11.01
N MET A 399 10.33 1.80 10.55
CA MET A 399 10.17 2.93 9.65
C MET A 399 9.97 4.29 10.31
N THR A 400 10.10 5.33 9.49
CA THR A 400 9.90 6.72 9.89
C THR A 400 9.38 7.40 8.63
N PRO A 401 8.98 8.67 8.72
CA PRO A 401 8.47 9.39 7.55
C PRO A 401 9.46 9.47 6.40
N LYS A 402 10.71 9.11 6.67
CA LYS A 402 11.74 9.13 5.63
C LYS A 402 11.52 7.97 4.67
N ASN A 403 10.77 6.97 5.11
CA ASN A 403 10.46 5.80 4.28
C ASN A 403 9.11 5.94 3.60
N MET A 404 8.85 5.02 2.68
CA MET A 404 7.57 4.94 1.99
C MET A 404 7.27 3.44 1.98
N TRP A 405 6.05 3.11 2.35
CA TRP A 405 5.60 1.73 2.40
C TRP A 405 4.28 1.71 1.64
N ARG A 406 4.22 0.94 0.57
CA ARG A 406 2.98 0.86 -0.23
C ARG A 406 2.71 -0.58 -0.62
N THR A 407 1.44 -0.89 -0.81
CA THR A 407 1.01 -2.23 -1.17
C THR A 407 -0.28 -2.08 -1.97
N SER A 408 -1.08 -3.15 -2.02
CA SER A 408 -2.41 -3.14 -2.65
C SER A 408 -3.22 -3.45 -1.40
N PRO A 409 -3.58 -2.41 -0.63
CA PRO A 409 -4.33 -2.48 0.63
C PRO A 409 -5.81 -2.78 0.67
N LEU A 410 -6.54 -2.49 -0.41
CA LEU A 410 -7.98 -2.69 -0.40
C LEU A 410 -8.44 -3.75 -1.41
N PHE A 411 -8.02 -3.61 -2.67
CA PHE A 411 -8.37 -4.60 -3.68
C PHE A 411 -7.51 -5.80 -3.31
N ALA A 412 -6.35 -5.51 -2.71
CA ALA A 412 -5.43 -6.54 -2.24
C ALA A 412 -5.00 -7.58 -3.26
N THR A 413 -4.53 -7.14 -4.42
CA THR A 413 -4.08 -8.08 -5.44
C THR A 413 -2.65 -8.54 -5.22
N MET A 414 -2.44 -9.84 -5.29
CA MET A 414 -1.10 -10.40 -5.15
C MET A 414 -0.36 -10.00 -6.42
N GLY A 415 0.96 -9.92 -6.33
CA GLY A 415 1.77 -9.57 -7.48
C GLY A 415 2.05 -8.08 -7.58
N ILE A 416 1.65 -7.32 -6.57
CA ILE A 416 1.83 -5.87 -6.57
C ILE A 416 3.26 -5.42 -6.23
N ALA A 417 4.02 -6.28 -5.55
CA ALA A 417 5.39 -5.93 -5.14
C ALA A 417 6.36 -5.55 -6.26
N ILE A 418 6.61 -6.48 -7.19
CA ILE A 418 7.55 -6.22 -8.28
C ILE A 418 7.15 -4.99 -9.08
N PRO A 419 5.86 -4.84 -9.41
CA PRO A 419 5.41 -3.66 -10.17
C PRO A 419 5.71 -2.41 -9.34
N GLY A 420 5.46 -2.49 -8.04
CA GLY A 420 5.71 -1.36 -7.16
C GLY A 420 7.18 -0.98 -7.17
N GLY A 421 8.06 -1.96 -7.21
CA GLY A 421 9.48 -1.70 -7.25
C GLY A 421 9.90 -0.95 -8.51
N LEU A 422 9.26 -1.29 -9.63
CA LEU A 422 9.56 -0.63 -10.90
C LEU A 422 9.10 0.83 -10.86
N GLY A 423 7.88 1.04 -10.40
CA GLY A 423 7.37 2.39 -10.32
C GLY A 423 8.23 3.24 -9.40
N ALA A 424 8.66 2.67 -8.28
CA ALA A 424 9.49 3.37 -7.32
C ALA A 424 10.88 3.68 -7.87
N LYS A 425 11.56 2.67 -8.39
CA LYS A 425 12.91 2.86 -8.93
C LYS A 425 12.89 3.82 -10.12
N ASN A 426 11.81 3.82 -10.89
CA ASN A 426 11.68 4.70 -12.04
C ASN A 426 11.60 6.15 -11.56
N THR A 427 10.95 6.34 -10.42
CA THR A 427 10.76 7.67 -9.84
C THR A 427 11.99 8.13 -9.05
N TYR A 428 12.63 7.19 -8.35
CA TYR A 428 13.80 7.50 -7.53
C TYR A 428 14.94 6.56 -7.91
N PRO A 429 15.63 6.83 -9.03
CA PRO A 429 16.74 5.99 -9.49
C PRO A 429 17.90 5.76 -8.53
N ASP A 430 18.17 6.71 -7.64
CA ASP A 430 19.28 6.57 -6.70
C ASP A 430 18.84 6.22 -5.28
N ARG A 431 17.65 5.65 -5.15
CA ARG A 431 17.13 5.29 -3.83
C ARG A 431 17.00 3.79 -3.66
N GLN A 432 17.25 3.29 -2.44
CA GLN A 432 17.16 1.87 -2.17
C GLN A 432 15.70 1.40 -2.20
N VAL A 433 15.43 0.40 -3.02
CA VAL A 433 14.07 -0.13 -3.16
C VAL A 433 14.00 -1.62 -2.82
N TRP A 434 13.06 -1.97 -1.95
CA TRP A 434 12.85 -3.34 -1.50
C TRP A 434 11.47 -3.88 -1.91
N ASN A 435 11.45 -5.09 -2.47
CA ASN A 435 10.19 -5.74 -2.83
C ASN A 435 10.10 -6.92 -1.86
N ILE A 436 9.12 -6.89 -0.95
CA ILE A 436 8.97 -7.96 0.02
C ILE A 436 7.80 -8.79 -0.51
N ILE A 437 8.09 -10.05 -0.81
CA ILE A 437 7.11 -10.95 -1.44
C ILE A 437 6.99 -12.35 -0.86
N GLY A 438 5.79 -12.92 -0.93
CA GLY A 438 5.58 -14.28 -0.48
C GLY A 438 5.81 -15.13 -1.71
N ASP A 439 6.14 -16.42 -1.56
CA ASP A 439 6.39 -17.24 -2.75
C ASP A 439 5.19 -17.39 -3.68
N GLY A 440 3.99 -17.37 -3.11
CA GLY A 440 2.80 -17.48 -3.94
C GLY A 440 2.65 -16.27 -4.86
N ALA A 441 2.84 -15.08 -4.29
CA ALA A 441 2.72 -13.85 -5.07
C ALA A 441 3.90 -13.74 -6.02
N PHE A 442 5.08 -14.17 -5.57
CA PHE A 442 6.27 -14.11 -6.40
C PHE A 442 6.04 -14.98 -7.64
N SER A 443 5.41 -16.14 -7.44
CA SER A 443 5.14 -17.07 -8.53
C SER A 443 4.20 -16.50 -9.60
N MET A 444 3.48 -15.44 -9.27
CA MET A 444 2.57 -14.82 -10.23
C MET A 444 3.26 -13.73 -11.02
N THR A 445 4.46 -13.33 -10.58
CA THR A 445 5.16 -12.26 -11.24
C THR A 445 6.68 -12.34 -11.42
N TYR A 446 7.33 -13.41 -10.94
CA TYR A 446 8.79 -13.43 -11.09
C TYR A 446 9.36 -13.32 -12.50
N PRO A 447 8.55 -13.60 -13.54
CA PRO A 447 9.17 -13.45 -14.85
C PRO A 447 9.61 -12.01 -15.08
N ASP A 448 8.97 -11.05 -14.41
CA ASP A 448 9.32 -9.65 -14.59
C ASP A 448 10.55 -9.16 -13.81
N VAL A 449 11.23 -10.08 -13.15
CA VAL A 449 12.45 -9.71 -12.45
C VAL A 449 13.43 -9.26 -13.53
N VAL A 450 13.32 -9.88 -14.70
CA VAL A 450 14.21 -9.56 -15.82
C VAL A 450 14.02 -8.12 -16.28
N THR A 451 12.86 -7.54 -15.97
CA THR A 451 12.59 -6.16 -16.35
C THR A 451 13.48 -5.20 -15.58
N ASN A 452 13.65 -5.45 -14.29
CA ASN A 452 14.53 -4.61 -13.47
C ASN A 452 15.96 -4.76 -14.00
N VAL A 453 16.33 -5.98 -14.36
CA VAL A 453 17.68 -6.24 -14.86
C VAL A 453 17.94 -5.51 -16.17
N ARG A 454 17.05 -5.72 -17.15
CA ARG A 454 17.21 -5.11 -18.46
C ARG A 454 17.24 -3.58 -18.47
N TYR A 455 16.42 -2.96 -17.63
CA TYR A 455 16.39 -1.50 -17.58
C TYR A 455 17.30 -0.87 -16.53
N ASN A 456 18.16 -1.70 -15.95
CA ASN A 456 19.10 -1.22 -14.94
C ASN A 456 18.41 -0.45 -13.82
N MET A 457 17.38 -1.06 -13.26
CA MET A 457 16.62 -0.49 -12.15
C MET A 457 16.76 -1.50 -11.01
N PRO A 458 17.94 -1.51 -10.36
CA PRO A 458 18.28 -2.41 -9.26
C PRO A 458 17.37 -2.40 -8.04
N VAL A 459 16.78 -3.54 -7.73
CA VAL A 459 15.92 -3.68 -6.57
C VAL A 459 16.30 -4.92 -5.79
N ILE A 460 15.88 -4.98 -4.53
CA ILE A 460 16.15 -6.12 -3.68
C ILE A 460 14.85 -6.88 -3.43
N ASN A 461 14.74 -8.05 -4.04
CA ASN A 461 13.54 -8.89 -3.87
C ASN A 461 13.78 -9.84 -2.69
N VAL A 462 12.91 -9.77 -1.69
CA VAL A 462 13.01 -10.66 -0.53
C VAL A 462 11.81 -11.60 -0.62
N VAL A 463 12.07 -12.88 -0.86
CA VAL A 463 10.99 -13.86 -1.01
C VAL A 463 10.86 -14.83 0.16
N PHE A 464 9.65 -14.93 0.70
CA PHE A 464 9.39 -15.84 1.81
C PHE A 464 8.86 -17.17 1.29
N SER A 465 9.71 -18.18 1.29
CA SER A 465 9.32 -19.52 0.83
C SER A 465 8.87 -20.36 2.03
N ASN A 466 7.57 -20.53 2.17
CA ASN A 466 7.03 -21.30 3.29
C ASN A 466 6.07 -22.38 2.82
N THR A 467 6.29 -22.89 1.61
CA THR A 467 5.45 -23.94 1.04
C THR A 467 3.97 -23.54 1.02
N GLU A 468 3.22 -23.98 2.02
CA GLU A 468 1.79 -23.69 2.10
C GLU A 468 1.54 -22.25 2.56
N TYR A 469 0.49 -21.64 2.01
CA TYR A 469 0.12 -20.27 2.34
C TYR A 469 -0.11 -20.10 3.83
N ALA A 470 0.72 -19.28 4.46
CA ALA A 470 0.61 -19.02 5.90
C ALA A 470 -0.76 -18.47 6.26
N PHE A 471 -1.19 -17.43 5.56
CA PHE A 471 -2.48 -16.79 5.81
C PHE A 471 -3.65 -17.72 5.52
N ILE A 472 -3.57 -18.41 4.38
CA ILE A 472 -4.63 -19.35 3.98
C ILE A 472 -4.71 -20.51 4.96
N LYS A 473 -3.59 -20.82 5.59
CA LYS A 473 -3.52 -21.91 6.55
C LYS A 473 -4.26 -21.51 7.84
N ASN A 474 -4.78 -20.29 7.86
CA ASN A 474 -5.50 -19.78 9.02
C ASN A 474 -6.96 -19.48 8.71
N LYS A 475 -7.50 -20.13 7.68
CA LYS A 475 -8.90 -19.91 7.31
C LYS A 475 -9.63 -21.22 7.01
N TYR A 476 -9.12 -22.31 7.59
CA TYR A 476 -9.71 -23.63 7.43
C TYR A 476 -10.01 -24.21 8.81
N GLU A 477 -9.94 -23.34 9.81
CA GLU A 477 -10.20 -23.73 11.19
C GLU A 477 -10.93 -22.60 11.92
N ASP A 478 -10.52 -21.37 11.63
CA ASP A 478 -11.12 -20.19 12.25
C ASP A 478 -12.41 -19.82 11.53
N THR A 479 -12.72 -20.54 10.45
CA THR A 479 -13.92 -20.29 9.67
C THR A 479 -14.52 -21.62 9.20
N ASN A 480 -13.66 -22.52 8.74
CA ASN A 480 -14.09 -23.83 8.27
C ASN A 480 -14.04 -24.85 9.41
N LYS A 481 -14.04 -26.13 9.05
CA LYS A 481 -14.00 -27.20 10.04
C LYS A 481 -13.17 -28.39 9.56
N ASN A 482 -12.80 -28.38 8.30
CA ASN A 482 -12.01 -29.46 7.71
C ASN A 482 -10.51 -29.16 7.77
N LEU A 483 -9.71 -30.00 7.12
CA LEU A 483 -8.26 -29.85 7.11
C LEU A 483 -7.83 -28.61 6.31
N PHE A 484 -6.91 -28.81 5.37
CA PHE A 484 -6.40 -27.70 4.56
C PHE A 484 -6.30 -28.10 3.08
N GLY A 485 -5.10 -28.00 2.53
CA GLY A 485 -4.89 -28.35 1.13
C GLY A 485 -4.35 -27.17 0.32
N VAL A 486 -3.15 -26.72 0.67
CA VAL A 486 -2.51 -25.60 -0.01
C VAL A 486 -1.01 -25.85 -0.15
N ASP A 487 -0.64 -27.06 -0.54
CA ASP A 487 0.76 -27.44 -0.68
C ASP A 487 1.46 -26.92 -1.94
N PHE A 488 2.78 -26.84 -1.85
CA PHE A 488 3.65 -26.38 -2.94
C PHE A 488 5.03 -26.97 -2.66
N THR A 489 5.65 -27.56 -3.68
CA THR A 489 6.97 -28.16 -3.50
C THR A 489 7.97 -27.12 -3.00
N ASP A 490 8.86 -26.69 -3.88
CA ASP A 490 9.88 -25.70 -3.53
C ASP A 490 10.85 -25.49 -4.67
N VAL A 491 10.52 -24.56 -5.58
CA VAL A 491 11.38 -24.28 -6.71
C VAL A 491 12.54 -23.40 -6.24
N ASP A 492 13.64 -23.47 -6.96
CA ASP A 492 14.84 -22.71 -6.64
C ASP A 492 14.79 -21.30 -7.21
N TYR A 493 14.21 -20.37 -6.46
CA TYR A 493 14.10 -18.98 -6.93
C TYR A 493 15.46 -18.31 -7.18
N ALA A 494 16.46 -18.69 -6.40
CA ALA A 494 17.79 -18.10 -6.56
C ALA A 494 18.37 -18.49 -7.93
N LYS A 495 18.13 -19.73 -8.32
CA LYS A 495 18.60 -20.25 -9.60
C LYS A 495 17.86 -19.56 -10.74
N ILE A 496 16.57 -19.33 -10.53
CA ILE A 496 15.77 -18.65 -11.54
C ILE A 496 16.31 -17.25 -11.71
N ALA A 497 16.61 -16.59 -10.60
CA ALA A 497 17.14 -15.24 -10.63
C ALA A 497 18.42 -15.17 -11.46
N GLU A 498 19.33 -16.11 -11.23
CA GLU A 498 20.60 -16.14 -11.98
C GLU A 498 20.33 -16.29 -13.47
N ALA A 499 19.37 -17.14 -13.83
CA ALA A 499 19.01 -17.38 -15.22
C ALA A 499 18.46 -16.11 -15.88
N GLN A 500 17.97 -15.18 -15.07
CA GLN A 500 17.40 -13.94 -15.56
C GLN A 500 18.39 -12.78 -15.57
N GLY A 501 19.64 -13.05 -15.17
CA GLY A 501 20.64 -11.99 -15.14
C GLY A 501 20.69 -11.28 -13.81
N ALA A 502 19.99 -11.82 -12.82
CA ALA A 502 19.96 -11.23 -11.49
C ALA A 502 20.86 -12.05 -10.58
N LYS A 503 21.07 -11.56 -9.36
CA LYS A 503 21.91 -12.28 -8.40
C LYS A 503 21.02 -12.98 -7.38
N GLY A 504 21.16 -14.30 -7.28
CA GLY A 504 20.35 -15.05 -6.34
C GLY A 504 21.05 -15.52 -5.09
N PHE A 505 20.30 -15.52 -3.98
CA PHE A 505 20.81 -15.97 -2.69
C PHE A 505 19.75 -16.89 -2.08
N THR A 506 20.20 -17.83 -1.26
CA THR A 506 19.29 -18.76 -0.60
C THR A 506 19.74 -18.87 0.86
N VAL A 507 18.79 -18.73 1.79
CA VAL A 507 19.10 -18.79 3.20
C VAL A 507 17.98 -19.48 3.97
N SER A 508 18.35 -20.33 4.93
CA SER A 508 17.37 -21.08 5.70
C SER A 508 17.71 -21.18 7.18
N ARG A 509 18.77 -20.51 7.60
CA ARG A 509 19.21 -20.54 9.00
C ARG A 509 19.38 -19.13 9.56
N ILE A 510 18.95 -18.94 10.80
CA ILE A 510 19.05 -17.65 11.45
C ILE A 510 20.49 -17.16 11.52
N GLU A 511 21.42 -18.06 11.81
CA GLU A 511 22.82 -17.69 11.92
C GLU A 511 23.50 -17.28 10.61
N ASP A 512 22.79 -17.45 9.49
CA ASP A 512 23.35 -17.09 8.18
C ASP A 512 22.69 -15.85 7.58
N MET A 513 21.57 -15.44 8.19
CA MET A 513 20.78 -14.31 7.69
C MET A 513 21.50 -12.97 7.57
N ASP A 514 22.22 -12.56 8.60
CA ASP A 514 22.90 -11.27 8.54
C ASP A 514 23.92 -11.20 7.41
N ARG A 515 24.74 -12.24 7.28
CA ARG A 515 25.76 -12.27 6.23
C ARG A 515 25.11 -12.26 4.84
N VAL A 516 24.08 -13.07 4.65
CA VAL A 516 23.41 -13.12 3.36
C VAL A 516 22.81 -11.75 3.03
N MET A 517 22.19 -11.11 4.02
CA MET A 517 21.58 -9.81 3.77
C MET A 517 22.65 -8.77 3.43
N ALA A 518 23.80 -8.87 4.08
CA ALA A 518 24.89 -7.93 3.83
C ALA A 518 25.40 -8.07 2.39
N GLU A 519 25.57 -9.30 1.94
CA GLU A 519 26.05 -9.55 0.58
C GLU A 519 25.02 -9.13 -0.46
N ALA A 520 23.74 -9.32 -0.13
CA ALA A 520 22.66 -8.95 -1.04
C ALA A 520 22.65 -7.43 -1.26
N VAL A 521 22.74 -6.68 -0.17
CA VAL A 521 22.74 -5.22 -0.25
C VAL A 521 23.96 -4.72 -1.02
N ALA A 522 25.13 -5.29 -0.72
CA ALA A 522 26.36 -4.91 -1.41
C ALA A 522 26.21 -5.18 -2.91
N ALA A 523 25.57 -6.29 -3.24
CA ALA A 523 25.37 -6.65 -4.65
C ALA A 523 24.42 -5.64 -5.31
N ASN A 524 23.40 -5.22 -4.57
CA ASN A 524 22.44 -4.25 -5.10
C ASN A 524 23.14 -2.91 -5.32
N LYS A 525 24.10 -2.59 -4.45
CA LYS A 525 24.83 -1.34 -4.59
C LYS A 525 25.82 -1.40 -5.74
N ALA A 526 26.06 -2.61 -6.26
CA ALA A 526 26.94 -2.80 -7.41
C ALA A 526 26.10 -2.71 -8.67
N GLY A 527 24.83 -2.35 -8.50
CA GLY A 527 23.94 -2.22 -9.64
C GLY A 527 23.18 -3.46 -10.07
N HIS A 528 23.17 -4.50 -9.22
CA HIS A 528 22.46 -5.72 -9.57
C HIS A 528 21.12 -5.86 -8.87
N THR A 529 20.16 -6.48 -9.56
CA THR A 529 18.86 -6.75 -8.96
C THR A 529 19.12 -8.06 -8.24
N VAL A 530 18.63 -8.18 -7.01
CA VAL A 530 18.86 -9.40 -6.26
C VAL A 530 17.58 -10.09 -5.81
N VAL A 531 17.69 -11.40 -5.61
CA VAL A 531 16.57 -12.19 -5.16
C VAL A 531 17.06 -13.05 -3.99
N ILE A 532 16.51 -12.78 -2.81
CA ILE A 532 16.89 -13.54 -1.62
C ILE A 532 15.77 -14.53 -1.34
N ASP A 533 16.04 -15.80 -1.60
CA ASP A 533 15.05 -16.85 -1.36
C ASP A 533 15.16 -17.27 0.11
N CYS A 534 14.26 -16.76 0.93
CA CYS A 534 14.27 -17.07 2.35
C CYS A 534 13.41 -18.28 2.67
N LYS A 535 14.05 -19.43 2.88
CA LYS A 535 13.33 -20.66 3.21
C LYS A 535 12.97 -20.57 4.69
N ILE A 536 11.74 -20.14 4.98
CA ILE A 536 11.31 -19.99 6.37
C ILE A 536 10.42 -21.15 6.86
N THR A 537 10.14 -21.14 8.16
CA THR A 537 9.31 -22.16 8.79
C THR A 537 7.84 -21.94 8.47
N GLN A 538 6.99 -22.80 9.02
CA GLN A 538 5.54 -22.73 8.81
C GLN A 538 4.89 -21.87 9.90
N ASP A 539 5.69 -21.29 10.78
CA ASP A 539 5.17 -20.46 11.86
C ASP A 539 4.34 -19.28 11.39
N ARG A 540 3.22 -19.04 12.06
CA ARG A 540 2.31 -17.93 11.74
C ARG A 540 2.43 -16.81 12.76
N PRO A 541 2.20 -15.56 12.34
CA PRO A 541 2.29 -14.45 13.29
C PRO A 541 1.21 -14.66 14.37
N ILE A 542 1.51 -14.29 15.61
CA ILE A 542 0.54 -14.43 16.68
C ILE A 542 -0.75 -13.69 16.30
N PRO A 543 -1.91 -14.36 16.43
CA PRO A 543 -3.19 -13.71 16.08
C PRO A 543 -3.61 -12.67 17.12
N VAL A 544 -3.40 -11.40 16.79
CA VAL A 544 -3.73 -10.31 17.70
C VAL A 544 -5.21 -9.95 17.71
N GLU A 545 -5.98 -10.50 16.77
CA GLU A 545 -7.41 -10.23 16.71
C GLU A 545 -8.11 -11.20 17.66
N THR A 546 -7.37 -12.21 18.10
CA THR A 546 -7.90 -13.21 19.04
C THR A 546 -6.82 -13.53 20.07
N LEU A 547 -6.66 -12.59 21.01
CA LEU A 547 -5.68 -12.71 22.07
C LEU A 547 -6.18 -13.61 23.20
N LYS A 548 -5.67 -14.82 23.27
CA LYS A 548 -6.08 -15.74 24.32
C LYS A 548 -5.07 -15.61 25.46
N LEU A 549 -5.23 -14.55 26.24
CA LEU A 549 -4.32 -14.26 27.36
C LEU A 549 -5.05 -13.89 28.65
N ASP A 550 -6.18 -13.19 28.54
CA ASP A 550 -6.93 -12.77 29.72
C ASP A 550 -7.69 -13.95 30.31
N SER A 551 -7.42 -14.25 31.59
CA SER A 551 -8.05 -15.37 32.29
C SER A 551 -9.55 -15.23 32.47
N LYS A 552 -10.10 -14.05 32.18
CA LYS A 552 -11.53 -13.82 32.30
C LYS A 552 -12.21 -13.94 30.95
N LEU A 553 -11.42 -14.17 29.91
CA LEU A 553 -11.96 -14.32 28.55
C LEU A 553 -11.68 -15.71 27.99
N TYR A 554 -10.63 -16.36 28.49
CA TYR A 554 -10.28 -17.69 28.02
C TYR A 554 -9.83 -18.60 29.17
N SER A 555 -9.83 -19.91 28.93
CA SER A 555 -9.46 -20.89 29.95
C SER A 555 -7.95 -21.02 30.12
N GLU A 556 -7.54 -21.68 31.20
CA GLU A 556 -6.12 -21.88 31.48
C GLU A 556 -5.48 -22.66 30.34
N ASP A 557 -6.15 -23.74 29.93
CA ASP A 557 -5.64 -24.57 28.85
C ASP A 557 -5.44 -23.75 27.58
N GLU A 558 -6.44 -22.94 27.23
CA GLU A 558 -6.35 -22.10 26.04
C GLU A 558 -5.17 -21.15 26.11
N ILE A 559 -5.06 -20.43 27.22
CA ILE A 559 -3.96 -19.50 27.42
C ILE A 559 -2.62 -20.22 27.34
N LYS A 560 -2.52 -21.36 28.02
CA LYS A 560 -1.28 -22.12 28.02
C LYS A 560 -0.88 -22.55 26.61
N ALA A 561 -1.86 -23.06 25.86
CA ALA A 561 -1.61 -23.51 24.49
C ALA A 561 -1.26 -22.33 23.59
N TYR A 562 -1.95 -21.22 23.78
CA TYR A 562 -1.73 -20.02 22.99
C TYR A 562 -0.30 -19.50 23.20
N LYS A 563 0.12 -19.43 24.46
CA LYS A 563 1.46 -18.97 24.80
C LYS A 563 2.54 -19.88 24.24
N GLU A 564 2.36 -21.19 24.39
CA GLU A 564 3.34 -22.14 23.91
C GLU A 564 3.48 -22.11 22.39
N ARG A 565 2.35 -22.00 21.70
CA ARG A 565 2.32 -21.97 20.25
C ARG A 565 3.01 -20.75 19.63
N TYR A 566 2.82 -19.58 20.23
CA TYR A 566 3.39 -18.36 19.70
C TYR A 566 4.56 -17.79 20.52
N GLU A 567 5.13 -18.61 21.40
CA GLU A 567 6.26 -18.19 22.23
C GLU A 567 5.91 -16.90 22.95
N ALA A 568 4.66 -16.78 23.39
CA ALA A 568 4.19 -15.56 24.05
C ALA A 568 4.01 -15.68 25.56
N ALA A 569 4.81 -16.53 26.21
CA ALA A 569 4.71 -16.71 27.66
C ALA A 569 4.71 -15.39 28.42
N ASN A 570 5.52 -14.43 27.94
CA ASN A 570 5.63 -13.14 28.62
C ASN A 570 4.64 -12.04 28.24
N LEU A 571 3.76 -12.31 27.29
CA LEU A 571 2.78 -11.29 26.95
C LEU A 571 1.78 -11.23 28.11
N VAL A 572 1.42 -10.01 28.49
CA VAL A 572 0.49 -9.77 29.59
C VAL A 572 -0.78 -9.07 29.08
N PRO A 573 -1.96 -9.59 29.44
CA PRO A 573 -3.20 -8.97 28.97
C PRO A 573 -3.33 -7.51 29.45
N PHE A 574 -3.79 -6.64 28.55
CA PHE A 574 -3.94 -5.23 28.86
C PHE A 574 -4.69 -4.95 30.16
N ARG A 575 -5.69 -5.77 30.49
CA ARG A 575 -6.45 -5.55 31.72
C ARG A 575 -5.55 -5.53 32.96
N GLU A 576 -4.52 -6.38 33.00
CA GLU A 576 -3.62 -6.40 34.15
C GLU A 576 -2.97 -5.03 34.30
N TYR A 577 -2.54 -4.46 33.18
CA TYR A 577 -1.90 -3.15 33.23
C TYR A 577 -2.88 -2.06 33.62
N LEU A 578 -4.12 -2.18 33.16
CA LEU A 578 -5.14 -1.19 33.52
C LEU A 578 -5.37 -1.21 35.03
N GLU A 579 -5.57 -2.41 35.57
CA GLU A 579 -5.82 -2.56 37.00
C GLU A 579 -4.62 -2.16 37.85
N ALA A 580 -3.42 -2.33 37.31
CA ALA A 580 -2.22 -1.94 38.05
C ALA A 580 -2.19 -0.43 38.24
N GLU A 581 -2.91 0.30 37.38
CA GLU A 581 -2.96 1.76 37.48
C GLU A 581 -4.25 2.23 38.13
N GLY A 582 -4.98 1.31 38.75
CA GLY A 582 -6.22 1.67 39.43
C GLY A 582 -7.46 1.74 38.55
N LEU A 583 -7.35 1.34 37.30
CA LEU A 583 -8.48 1.38 36.38
C LEU A 583 -9.10 -0.01 36.23
N GLU A 584 -10.28 -0.06 35.61
CA GLU A 584 -10.99 -1.32 35.40
C GLU A 584 -11.39 -1.46 33.94
N SER A 585 -11.47 -2.70 33.45
CA SER A 585 -11.88 -2.91 32.07
C SER A 585 -13.33 -2.44 31.93
N LYS A 586 -13.66 -1.84 30.80
CA LYS A 586 -15.02 -1.34 30.60
C LYS A 586 -15.90 -2.40 29.92
N TYR A 587 -15.34 -3.57 29.62
CA TYR A 587 -16.13 -4.60 28.96
C TYR A 587 -15.84 -6.02 29.43
N ILE A 588 -14.64 -6.26 29.94
CA ILE A 588 -14.29 -7.59 30.41
C ILE A 588 -14.95 -7.88 31.76
N LYS A 589 -15.90 -8.81 31.73
CA LYS A 589 -16.66 -9.24 32.90
C LYS A 589 -17.71 -8.19 33.26
MG MG B . 3.93 -18.60 0.93
S SO4 C . -8.97 -14.64 0.25
O1 SO4 C . -9.02 -13.41 -0.50
O2 SO4 C . -9.57 -14.45 1.60
O3 SO4 C . -7.57 -15.07 0.41
O4 SO4 C . -9.71 -15.70 -0.47
S SO4 D . -19.93 9.25 -21.56
O1 SO4 D . -21.07 9.69 -22.35
O2 SO4 D . -20.29 8.06 -20.76
O3 SO4 D . -19.50 10.33 -20.66
O4 SO4 D . -18.79 8.90 -22.47
S SO4 E . -3.89 16.83 34.69
O1 SO4 E . -5.09 16.53 33.92
O2 SO4 E . -4.26 17.32 36.04
O3 SO4 E . -3.10 17.86 34.01
O4 SO4 E . -3.06 15.61 34.85
S SO4 F . -12.29 3.28 35.84
O1 SO4 F . -13.68 2.90 35.70
O2 SO4 F . -11.82 3.04 37.22
O3 SO4 F . -12.12 4.71 35.49
O4 SO4 F . -11.45 2.47 34.91
PA FAD G . -7.75 5.01 3.28
O1A FAD G . -6.94 5.23 2.04
O2A FAD G . -8.71 3.88 3.33
O5B FAD G . -8.58 6.33 3.60
C5B FAD G . -7.90 7.53 3.91
C4B FAD G . -8.88 8.60 4.32
O4B FAD G . -8.16 9.84 4.53
C3B FAD G . -9.96 8.91 3.27
O3B FAD G . -11.25 8.91 3.88
C2B FAD G . -9.55 10.27 2.70
O2B FAD G . -10.61 11.03 2.19
C1B FAD G . -8.86 10.90 3.91
N9A FAD G . -7.87 11.95 3.59
C8A FAD G . -6.95 12.00 2.56
N7A FAD G . -6.21 13.09 2.57
C5A FAD G . -6.67 13.79 3.67
C6A FAD G . -6.29 15.04 4.23
N6A FAD G . -5.33 15.81 3.74
N1A FAD G . -6.96 15.46 5.34
C2A FAD G . -7.94 14.68 5.86
N3A FAD G . -8.38 13.49 5.41
C4A FAD G . -7.70 13.11 4.31
N1 FAD G . -5.41 -2.51 7.87
C2 FAD G . -5.60 -2.48 9.23
O2 FAD G . -5.71 -1.42 9.82
N3 FAD G . -5.67 -3.68 9.93
C4 FAD G . -5.55 -4.92 9.35
O4 FAD G . -5.63 -5.96 10.03
C4X FAD G . -5.32 -4.94 7.95
N5 FAD G . -5.14 -6.15 7.29
C5X FAD G . -4.88 -6.17 5.93
C6 FAD G . -4.67 -7.39 5.29
C7 FAD G . -4.38 -7.46 3.93
C7M FAD G . -4.14 -8.81 3.28
C8 FAD G . -4.33 -6.24 3.18
C8M FAD G . -4.02 -6.25 1.70
C9 FAD G . -4.56 -5.01 3.81
C9A FAD G . -4.84 -4.95 5.20
N10 FAD G . -5.05 -3.72 5.87
C10 FAD G . -5.27 -3.71 7.24
C1' FAD G . -5.07 -2.40 5.17
C2' FAD G . -6.58 -2.05 5.07
O2' FAD G . -7.22 -2.95 4.21
C3' FAD G . -6.82 -0.62 4.55
O3' FAD G . -6.32 -0.41 3.23
C4' FAD G . -6.20 0.52 5.36
O4' FAD G . -6.39 0.26 6.75
C5' FAD G . -6.87 1.85 4.99
O5' FAD G . -6.12 2.82 5.72
P FAD G . -6.49 4.35 5.90
O1P FAD G . -7.78 4.45 6.63
O2P FAD G . -5.29 5.04 6.45
O3P FAD G . -6.68 5.03 4.48
N1' TPP H . -5.20 -14.10 -6.08
C2' TPP H . -4.82 -12.80 -6.10
CM2 TPP H . -4.40 -12.23 -7.40
N3' TPP H . -4.82 -12.05 -5.01
C4' TPP H . -5.20 -12.60 -3.80
N4' TPP H . -5.17 -11.80 -2.76
C5' TPP H . -5.62 -14.00 -3.75
C6' TPP H . -5.58 -14.69 -4.92
C7' TPP H . -6.04 -14.76 -2.51
N3 TPP H . -4.94 -14.85 -1.48
C2 TPP H . -4.78 -13.98 -0.49
S1 TPP H . -3.46 -14.36 0.48
C5 TPP H . -3.10 -15.73 -0.46
C4 TPP H . -3.98 -15.89 -1.48
CM4 TPP H . -4.00 -16.97 -2.52
C6 TPP H . -1.93 -16.59 -0.13
C7 TPP H . -0.70 -16.04 -0.82
O7 TPP H . 0.43 -16.83 -0.39
PA TPP H . 1.92 -16.26 -0.43
O1A TPP H . 2.70 -17.49 -0.61
O2A TPP H . 2.13 -15.12 -1.36
O3A TPP H . 2.08 -15.64 1.05
PB TPP H . 2.10 -16.20 2.55
O1B TPP H . 0.68 -16.08 3.01
O2B TPP H . 3.16 -15.46 3.30
O3B TPP H . 2.50 -17.70 2.47
#